data_1PW5
#
_entry.id   1PW5
#
_cell.length_a   97.788
_cell.length_b   97.788
_cell.length_c   159.270
_cell.angle_alpha   90.00
_cell.angle_beta   90.00
_cell.angle_gamma   90.00
#
_symmetry.space_group_name_H-M   'P 41 21 2'
#
loop_
_entity.id
_entity.type
_entity.pdbx_description
1 polymer 'nagD protein, putative'
2 non-polymer 2-acetamido-2-deoxy-alpha-D-glucopyranose
3 non-polymer 'SULFATE ION'
4 water water
#
_entity_poly.entity_id   1
_entity_poly.type   'polypeptide(L)'
_entity_poly.pdbx_seq_one_letter_code
;(MSE)LDKIELFILD(MSE)DGTFYLDDSLLPGSLEFLETLKEKNKRFVFFTNNSSLGAQDYVRKLRN(MSE)GVDVPDD
AVVTSGEITAEH(MSE)LKRFGRCRIFLLGTPQLKKVFEAYGHVIDEENPDFVVLGFDKTLTYERLKKACILLRKGKFYI
ATHPDINCPSKEGPVPDAGSI(MSE)AAIEASTGRKPDLIAGKPNPLVVDVISEKFGVPKER(MSE)A(MSE)VGDRLYT
DVKLGKNAGIVSILVLTGETTPEDLERAETKPDFVFKNLGE
;
_entity_poly.pdbx_strand_id   A
#
loop_
_chem_comp.id
_chem_comp.type
_chem_comp.name
_chem_comp.formula
NDG D-saccharide, alpha linking 2-acetamido-2-deoxy-alpha-D-glucopyranose 'C8 H15 N O6'
SO4 non-polymer 'SULFATE ION' 'O4 S -2'
#
# COMPACT_ATOMS: atom_id res chain seq x y z
N MSE A 1 -24.11 9.81 1.86
CA MSE A 1 -23.59 9.92 3.24
C MSE A 1 -23.67 8.60 4.01
O MSE A 1 -24.47 8.42 4.93
CB MSE A 1 -24.32 11.03 3.96
CG MSE A 1 -23.80 12.40 3.58
SE MSE A 1 -25.14 13.77 3.56
CE MSE A 1 -24.77 14.59 5.27
N LEU A 2 -22.77 7.71 3.61
CA LEU A 2 -22.55 6.38 4.17
C LEU A 2 -23.78 5.51 4.20
N ASP A 3 -23.59 4.26 4.60
CA ASP A 3 -24.68 3.30 4.71
C ASP A 3 -25.07 2.69 3.36
N LYS A 4 -24.58 3.25 2.27
CA LYS A 4 -24.86 2.70 0.95
C LYS A 4 -23.56 2.19 0.31
N ILE A 5 -22.55 2.01 1.15
CA ILE A 5 -21.22 1.54 0.74
C ILE A 5 -21.12 0.02 0.83
N GLU A 6 -20.32 -0.59 -0.06
CA GLU A 6 -20.16 -2.04 -0.04
C GLU A 6 -18.75 -2.54 0.25
N LEU A 7 -17.75 -1.80 -0.22
CA LEU A 7 -16.36 -2.20 -0.04
C LEU A 7 -15.51 -1.18 0.73
N PHE A 8 -14.92 -1.64 1.83
CA PHE A 8 -14.09 -0.78 2.65
C PHE A 8 -12.60 -1.16 2.63
N ILE A 9 -11.79 -0.32 1.99
CA ILE A 9 -10.35 -0.56 1.98
C ILE A 9 -9.85 -0.09 3.34
N LEU A 10 -9.24 -0.99 4.10
CA LEU A 10 -8.76 -0.62 5.43
C LEU A 10 -7.26 -0.52 5.58
N ASP A 11 -6.82 0.44 6.38
CA ASP A 11 -5.40 0.61 6.65
C ASP A 11 -5.08 -0.44 7.70
N MSE A 12 -3.80 -0.67 7.95
CA MSE A 12 -3.40 -1.63 8.95
C MSE A 12 -2.78 -0.97 10.15
O MSE A 12 -3.50 -0.57 11.07
CB MSE A 12 -2.46 -2.64 8.31
CG MSE A 12 -3.20 -3.47 7.28
SE MSE A 12 -2.18 -4.89 6.49
CE MSE A 12 -2.48 -4.42 4.63
N ASP A 13 -1.47 -0.84 10.18
CA ASP A 13 -0.84 -0.20 11.33
C ASP A 13 -1.35 1.24 11.42
N GLY A 14 -1.77 1.64 12.62
CA GLY A 14 -2.28 2.97 12.79
C GLY A 14 -3.79 3.02 12.65
N THR A 15 -4.39 2.02 12.03
CA THR A 15 -5.84 2.03 11.87
C THR A 15 -6.53 0.81 12.46
N PHE A 16 -6.12 -0.38 12.05
CA PHE A 16 -6.72 -1.62 12.55
C PHE A 16 -6.01 -2.14 13.78
N TYR A 17 -4.69 -1.93 13.85
CA TYR A 17 -3.91 -2.37 14.99
C TYR A 17 -2.80 -1.37 15.19
N LEU A 18 -2.04 -1.53 16.26
CA LEU A 18 -0.96 -0.59 16.53
C LEU A 18 0.09 -1.25 17.41
N ASP A 19 1.34 -1.23 16.96
CA ASP A 19 2.44 -1.81 17.72
C ASP A 19 2.19 -3.33 17.85
N ASP A 20 1.77 -3.93 16.75
CA ASP A 20 1.52 -5.36 16.71
C ASP A 20 0.39 -5.86 17.62
N SER A 21 -0.38 -4.94 18.19
CA SER A 21 -1.50 -5.31 19.07
C SER A 21 -2.77 -4.72 18.47
N LEU A 22 -3.84 -5.50 18.42
CA LEU A 22 -5.09 -5.01 17.85
C LEU A 22 -5.56 -3.74 18.56
N LEU A 23 -6.29 -2.91 17.84
CA LEU A 23 -6.83 -1.68 18.42
C LEU A 23 -8.28 -1.94 18.83
N PRO A 24 -8.68 -1.42 20.00
CA PRO A 24 -10.04 -1.59 20.51
C PRO A 24 -11.14 -1.32 19.50
N GLY A 25 -12.03 -2.29 19.34
CA GLY A 25 -13.14 -2.13 18.43
C GLY A 25 -12.89 -2.67 17.03
N SER A 26 -11.62 -2.89 16.69
CA SER A 26 -11.28 -3.40 15.38
C SER A 26 -12.01 -4.70 15.08
N LEU A 27 -11.89 -5.65 16.00
CA LEU A 27 -12.52 -6.95 15.83
C LEU A 27 -14.02 -6.81 15.58
N GLU A 28 -14.66 -6.14 16.53
CA GLU A 28 -16.08 -5.89 16.53
C GLU A 28 -16.53 -5.12 15.30
N PHE A 29 -15.58 -4.44 14.65
CA PHE A 29 -15.88 -3.66 13.46
C PHE A 29 -16.14 -4.58 12.28
N LEU A 30 -15.22 -5.51 12.03
CA LEU A 30 -15.36 -6.43 10.92
C LEU A 30 -16.65 -7.23 11.07
N GLU A 31 -16.94 -7.65 12.29
CA GLU A 31 -18.15 -8.41 12.56
C GLU A 31 -19.36 -7.61 12.11
N THR A 32 -19.36 -6.33 12.46
CA THR A 32 -20.47 -5.45 12.10
C THR A 32 -20.63 -5.38 10.58
N LEU A 33 -19.52 -5.47 9.86
CA LEU A 33 -19.57 -5.41 8.40
C LEU A 33 -20.10 -6.70 7.85
N LYS A 34 -19.89 -7.79 8.61
CA LYS A 34 -20.37 -9.10 8.19
C LYS A 34 -21.90 -9.00 8.18
N GLU A 35 -22.45 -8.73 9.35
CA GLU A 35 -23.89 -8.60 9.54
C GLU A 35 -24.49 -7.63 8.54
N LYS A 36 -24.05 -6.38 8.59
CA LYS A 36 -24.56 -5.38 7.67
C LYS A 36 -24.23 -5.70 6.22
N ASN A 37 -23.73 -6.91 5.99
CA ASN A 37 -23.41 -7.38 4.64
C ASN A 37 -22.43 -6.49 3.88
N LYS A 38 -21.23 -6.31 4.45
CA LYS A 38 -20.22 -5.47 3.82
C LYS A 38 -18.94 -6.21 3.44
N ARG A 39 -18.23 -5.67 2.45
CA ARG A 39 -16.98 -6.27 1.98
C ARG A 39 -15.80 -5.39 2.38
N PHE A 40 -14.73 -6.01 2.89
CA PHE A 40 -13.55 -5.27 3.30
C PHE A 40 -12.25 -5.84 2.75
N VAL A 41 -11.30 -4.96 2.47
CA VAL A 41 -10.00 -5.35 1.93
C VAL A 41 -8.91 -4.50 2.55
N PHE A 42 -7.94 -5.14 3.20
CA PHE A 42 -6.83 -4.41 3.80
C PHE A 42 -5.83 -3.99 2.71
N PHE A 43 -5.14 -2.88 2.93
CA PHE A 43 -4.15 -2.42 1.97
C PHE A 43 -3.03 -1.67 2.65
N THR A 44 -1.80 -1.91 2.19
CA THR A 44 -0.64 -1.25 2.77
C THR A 44 0.38 -0.88 1.69
N ASN A 45 0.95 0.31 1.79
CA ASN A 45 1.94 0.71 0.82
C ASN A 45 3.27 0.06 1.18
N ASN A 46 3.30 -0.64 2.31
CA ASN A 46 4.53 -1.28 2.72
C ASN A 46 4.80 -2.55 1.93
N SER A 47 5.77 -2.44 1.02
CA SER A 47 6.16 -3.53 0.14
C SER A 47 7.40 -4.30 0.60
N SER A 48 7.70 -4.29 1.89
CA SER A 48 8.87 -5.03 2.36
C SER A 48 8.44 -6.47 2.59
N LEU A 49 7.13 -6.69 2.51
CA LEU A 49 6.54 -8.02 2.66
C LEU A 49 5.41 -8.15 1.64
N GLY A 50 4.99 -9.37 1.40
CA GLY A 50 3.92 -9.62 0.45
C GLY A 50 2.64 -9.89 1.20
N ALA A 51 1.52 -9.74 0.50
CA ALA A 51 0.21 -9.93 1.09
C ALA A 51 0.21 -11.05 2.13
N GLN A 52 0.51 -12.26 1.70
CA GLN A 52 0.51 -13.39 2.61
C GLN A 52 1.22 -13.14 3.93
N ASP A 53 2.34 -12.45 3.89
CA ASP A 53 3.10 -12.15 5.09
C ASP A 53 2.23 -11.41 6.10
N TYR A 54 1.35 -10.54 5.59
CA TYR A 54 0.45 -9.77 6.41
C TYR A 54 -0.70 -10.64 6.89
N VAL A 55 -1.27 -11.42 5.97
CA VAL A 55 -2.37 -12.32 6.30
C VAL A 55 -1.98 -13.19 7.48
N ARG A 56 -0.70 -13.54 7.55
CA ARG A 56 -0.19 -14.35 8.63
C ARG A 56 -0.23 -13.51 9.89
N LYS A 57 0.44 -12.36 9.83
CA LYS A 57 0.53 -11.44 10.95
C LYS A 57 -0.84 -11.11 11.55
N LEU A 58 -1.85 -10.97 10.71
CA LEU A 58 -3.20 -10.67 11.20
C LEU A 58 -3.79 -11.85 11.96
N ARG A 59 -3.70 -13.04 11.38
CA ARG A 59 -4.25 -14.24 12.01
C ARG A 59 -3.49 -14.54 13.29
N ASN A 60 -2.17 -14.43 13.21
CA ASN A 60 -1.32 -14.68 14.37
C ASN A 60 -1.71 -13.71 15.49
N MSE A 61 -2.38 -12.62 15.11
CA MSE A 61 -2.80 -11.59 16.04
C MSE A 61 -4.16 -11.92 16.65
O MSE A 61 -4.45 -11.56 17.79
CB MSE A 61 -2.89 -10.25 15.31
CG MSE A 61 -2.49 -9.02 16.10
SE MSE A 61 -2.18 -7.53 14.90
CE MSE A 61 -0.26 -7.69 14.64
N GLY A 62 -4.99 -12.61 15.88
CA GLY A 62 -6.30 -12.98 16.37
C GLY A 62 -7.39 -12.68 15.38
N VAL A 63 -7.01 -12.54 14.11
CA VAL A 63 -7.97 -12.23 13.07
C VAL A 63 -7.99 -13.24 11.93
N ASP A 64 -8.99 -14.11 11.92
CA ASP A 64 -9.12 -15.10 10.86
C ASP A 64 -9.55 -14.32 9.62
N VAL A 65 -8.84 -14.48 8.51
CA VAL A 65 -9.17 -13.72 7.32
C VAL A 65 -8.72 -14.41 6.02
N PRO A 66 -9.52 -14.29 4.94
CA PRO A 66 -9.16 -14.92 3.66
C PRO A 66 -7.80 -14.45 3.15
N ASP A 67 -7.33 -15.05 2.06
CA ASP A 67 -6.03 -14.69 1.53
C ASP A 67 -6.07 -13.45 0.65
N ASP A 68 -7.20 -13.25 -0.04
CA ASP A 68 -7.35 -12.11 -0.94
C ASP A 68 -7.70 -10.85 -0.15
N ALA A 69 -7.84 -11.00 1.17
CA ALA A 69 -8.21 -9.89 2.04
C ALA A 69 -7.14 -8.80 2.17
N VAL A 70 -5.88 -9.14 1.91
CA VAL A 70 -4.81 -8.16 1.99
C VAL A 70 -4.24 -7.87 0.60
N VAL A 71 -3.82 -6.63 0.40
CA VAL A 71 -3.25 -6.22 -0.88
C VAL A 71 -2.09 -5.30 -0.54
N THR A 72 -1.03 -5.36 -1.33
CA THR A 72 0.13 -4.52 -1.07
C THR A 72 0.54 -3.75 -2.31
N SER A 73 1.26 -2.66 -2.12
CA SER A 73 1.73 -1.88 -3.26
C SER A 73 2.58 -2.83 -4.10
N GLY A 74 2.94 -3.96 -3.51
CA GLY A 74 3.73 -4.95 -4.20
C GLY A 74 2.89 -5.56 -5.29
N GLU A 75 1.86 -6.29 -4.91
CA GLU A 75 0.98 -6.91 -5.91
C GLU A 75 0.37 -5.86 -6.84
N ILE A 76 0.15 -4.64 -6.38
CA ILE A 76 -0.42 -3.65 -7.28
C ILE A 76 0.63 -3.36 -8.36
N THR A 77 1.84 -3.01 -7.96
CA THR A 77 2.90 -2.71 -8.90
C THR A 77 3.14 -3.86 -9.88
N ALA A 78 3.08 -5.09 -9.39
CA ALA A 78 3.28 -6.24 -10.26
C ALA A 78 2.14 -6.28 -11.28
N GLU A 79 0.93 -6.54 -10.80
CA GLU A 79 -0.26 -6.63 -11.63
C GLU A 79 -0.34 -5.53 -12.68
N HIS A 80 -0.02 -4.28 -12.31
CA HIS A 80 -0.09 -3.21 -13.29
C HIS A 80 0.95 -3.37 -14.38
N MSE A 81 2.15 -3.85 -14.03
CA MSE A 81 3.18 -4.06 -15.03
C MSE A 81 2.78 -5.18 -15.99
O MSE A 81 2.92 -5.05 -17.20
CB MSE A 81 4.51 -4.41 -14.35
CG MSE A 81 5.25 -3.20 -13.78
SE MSE A 81 6.89 -3.65 -12.83
CE MSE A 81 8.10 -3.75 -14.35
N LEU A 82 2.26 -6.28 -15.45
CA LEU A 82 1.81 -7.40 -16.29
C LEU A 82 0.70 -6.92 -17.21
N LYS A 83 -0.18 -6.08 -16.68
CA LYS A 83 -1.30 -5.54 -17.43
C LYS A 83 -0.83 -4.79 -18.66
N ARG A 84 0.12 -3.88 -18.49
CA ARG A 84 0.54 -3.11 -19.63
C ARG A 84 1.92 -3.36 -20.21
N PHE A 85 2.63 -4.37 -19.71
CA PHE A 85 3.97 -4.69 -20.22
C PHE A 85 4.17 -6.19 -20.32
N GLY A 86 3.42 -6.94 -19.51
CA GLY A 86 3.55 -8.39 -19.51
C GLY A 86 4.73 -8.85 -18.68
N ARG A 87 5.07 -10.12 -18.77
CA ARG A 87 6.21 -10.66 -18.03
C ARG A 87 7.44 -9.81 -18.30
N CYS A 88 7.96 -9.16 -17.25
CA CYS A 88 9.13 -8.29 -17.40
C CYS A 88 10.44 -8.78 -16.78
N ARG A 89 11.55 -8.31 -17.34
CA ARG A 89 12.87 -8.64 -16.84
C ARG A 89 13.24 -7.37 -16.07
N ILE A 90 13.26 -7.49 -14.74
CA ILE A 90 13.53 -6.35 -13.88
C ILE A 90 14.72 -6.50 -12.94
N PHE A 91 15.28 -5.37 -12.55
CA PHE A 91 16.35 -5.35 -11.56
C PHE A 91 15.60 -4.87 -10.34
N LEU A 92 15.41 -5.76 -9.37
CA LEU A 92 14.64 -5.43 -8.17
C LEU A 92 15.41 -4.95 -6.95
N LEU A 93 15.09 -3.74 -6.54
CA LEU A 93 15.69 -3.12 -5.38
C LEU A 93 14.66 -3.35 -4.28
N GLY A 94 14.47 -4.62 -3.92
CA GLY A 94 13.49 -4.94 -2.91
C GLY A 94 13.95 -6.08 -2.03
N THR A 95 13.05 -6.59 -1.20
CA THR A 95 13.38 -7.69 -0.30
C THR A 95 12.90 -9.02 -0.86
N PRO A 96 13.46 -10.13 -0.36
CA PRO A 96 13.11 -11.49 -0.78
C PRO A 96 11.61 -11.71 -0.93
N GLN A 97 10.84 -11.19 0.02
CA GLN A 97 9.39 -11.34 -0.03
C GLN A 97 8.80 -10.57 -1.20
N LEU A 98 9.32 -9.37 -1.46
CA LEU A 98 8.79 -8.56 -2.56
C LEU A 98 9.09 -9.25 -3.87
N LYS A 99 10.26 -9.87 -3.93
CA LYS A 99 10.70 -10.59 -5.12
C LYS A 99 9.71 -11.72 -5.45
N LYS A 100 9.46 -12.59 -4.49
CA LYS A 100 8.53 -13.68 -4.71
C LYS A 100 7.22 -13.13 -5.29
N VAL A 101 6.84 -11.95 -4.83
CA VAL A 101 5.62 -11.31 -5.30
C VAL A 101 5.69 -11.04 -6.80
N PHE A 102 6.79 -10.44 -7.25
CA PHE A 102 6.93 -10.16 -8.66
C PHE A 102 7.06 -11.44 -9.48
N GLU A 103 7.65 -12.47 -8.88
CA GLU A 103 7.82 -13.73 -9.58
C GLU A 103 6.48 -14.42 -9.80
N ALA A 104 5.62 -14.37 -8.80
CA ALA A 104 4.30 -14.98 -8.93
C ALA A 104 3.51 -14.33 -10.06
N TYR A 105 3.91 -13.15 -10.48
CA TYR A 105 3.23 -12.49 -11.58
C TYR A 105 3.97 -12.74 -12.88
N GLY A 106 4.76 -13.82 -12.88
CA GLY A 106 5.52 -14.19 -14.07
C GLY A 106 6.68 -13.26 -14.42
N HIS A 107 6.97 -12.30 -13.57
CA HIS A 107 8.08 -11.42 -13.88
C HIS A 107 9.37 -12.14 -13.54
N VAL A 108 10.48 -11.64 -14.07
CA VAL A 108 11.77 -12.27 -13.84
C VAL A 108 12.83 -11.26 -13.45
N ILE A 109 13.68 -11.63 -12.51
CA ILE A 109 14.73 -10.74 -12.10
C ILE A 109 15.97 -11.10 -12.86
N ASP A 110 16.48 -10.14 -13.63
CA ASP A 110 17.66 -10.32 -14.44
C ASP A 110 18.62 -9.21 -14.05
N GLU A 111 19.55 -9.53 -13.15
CA GLU A 111 20.53 -8.55 -12.68
C GLU A 111 21.37 -8.10 -13.87
N GLU A 112 21.56 -9.02 -14.81
CA GLU A 112 22.34 -8.81 -16.02
C GLU A 112 21.80 -7.79 -17.01
N ASN A 113 20.78 -8.20 -17.77
CA ASN A 113 20.16 -7.33 -18.76
C ASN A 113 18.68 -7.17 -18.45
N PRO A 114 18.35 -6.15 -17.64
CA PRO A 114 16.94 -5.90 -17.29
C PRO A 114 16.40 -4.73 -18.10
N ASP A 115 15.08 -4.63 -18.14
CA ASP A 115 14.42 -3.55 -18.87
C ASP A 115 13.92 -2.50 -17.88
N PHE A 116 13.57 -2.95 -16.67
CA PHE A 116 13.12 -2.06 -15.62
C PHE A 116 13.94 -2.17 -14.34
N VAL A 117 14.01 -1.04 -13.62
CA VAL A 117 14.66 -0.95 -12.32
C VAL A 117 13.44 -0.72 -11.41
N VAL A 118 13.10 -1.69 -10.57
CA VAL A 118 11.95 -1.54 -9.68
C VAL A 118 12.42 -1.35 -8.23
N LEU A 119 11.90 -0.31 -7.59
CA LEU A 119 12.26 0.04 -6.21
C LEU A 119 11.12 -0.17 -5.23
N GLY A 120 11.37 -0.95 -4.19
CA GLY A 120 10.36 -1.21 -3.17
C GLY A 120 10.92 -0.80 -1.82
N PHE A 121 10.25 -1.14 -0.73
CA PHE A 121 10.78 -0.78 0.59
C PHE A 121 11.91 -1.76 0.84
N ASP A 122 13.05 -1.51 0.21
CA ASP A 122 14.21 -2.39 0.29
C ASP A 122 14.97 -2.41 1.61
N LYS A 123 14.46 -3.19 2.58
CA LYS A 123 15.13 -3.30 3.86
C LYS A 123 16.40 -4.13 3.73
N THR A 124 16.71 -4.55 2.51
CA THR A 124 17.90 -5.35 2.23
C THR A 124 18.87 -4.63 1.28
N LEU A 125 18.68 -3.31 1.18
CA LEU A 125 19.53 -2.49 0.32
C LEU A 125 21.00 -2.56 0.76
N THR A 126 21.90 -2.40 -0.21
CA THR A 126 23.34 -2.40 0.07
C THR A 126 23.90 -1.38 -0.91
N TYR A 127 25.06 -0.81 -0.60
CA TYR A 127 25.61 0.18 -1.51
C TYR A 127 25.71 -0.32 -2.92
N GLU A 128 26.22 -1.54 -3.10
CA GLU A 128 26.35 -2.09 -4.44
C GLU A 128 25.04 -2.14 -5.19
N ARG A 129 24.01 -2.72 -4.56
CA ARG A 129 22.70 -2.79 -5.18
C ARG A 129 22.25 -1.40 -5.65
N LEU A 130 22.61 -0.37 -4.88
CA LEU A 130 22.26 1.01 -5.20
C LEU A 130 23.08 1.47 -6.38
N LYS A 131 24.37 1.15 -6.34
CA LYS A 131 25.31 1.50 -7.39
C LYS A 131 24.82 0.90 -8.70
N LYS A 132 24.45 -0.38 -8.68
CA LYS A 132 23.98 -1.04 -9.89
C LYS A 132 22.74 -0.37 -10.43
N ALA A 133 21.75 -0.18 -9.56
CA ALA A 133 20.50 0.45 -9.93
C ALA A 133 20.76 1.80 -10.58
N CYS A 134 21.66 2.58 -10.00
CA CYS A 134 21.98 3.89 -10.55
C CYS A 134 22.58 3.81 -11.93
N ILE A 135 23.47 2.86 -12.13
CA ILE A 135 24.10 2.68 -13.44
C ILE A 135 23.03 2.27 -14.44
N LEU A 136 22.27 1.23 -14.12
CA LEU A 136 21.20 0.81 -15.00
C LEU A 136 20.29 1.98 -15.37
N LEU A 137 20.06 2.88 -14.41
CA LEU A 137 19.20 4.03 -14.64
C LEU A 137 19.86 4.99 -15.61
N ARG A 138 21.17 5.17 -15.49
CA ARG A 138 21.85 6.06 -16.40
C ARG A 138 21.90 5.45 -17.80
N LYS A 139 21.47 4.20 -17.92
CA LYS A 139 21.40 3.55 -19.22
C LYS A 139 19.95 3.73 -19.66
N GLY A 140 19.23 4.60 -18.97
CA GLY A 140 17.85 4.86 -19.30
C GLY A 140 16.92 3.66 -19.27
N LYS A 141 16.83 2.96 -18.16
CA LYS A 141 15.93 1.82 -18.07
C LYS A 141 14.61 2.34 -17.48
N PHE A 142 13.49 1.70 -17.78
CA PHE A 142 12.23 2.17 -17.21
C PHE A 142 12.35 2.05 -15.69
N TYR A 143 11.99 3.13 -14.99
CA TYR A 143 12.09 3.24 -13.53
C TYR A 143 10.74 3.20 -12.81
N ILE A 144 10.48 2.17 -12.01
CA ILE A 144 9.22 2.07 -11.29
C ILE A 144 9.41 1.88 -9.78
N ALA A 145 8.60 2.57 -8.99
CA ALA A 145 8.63 2.48 -7.52
C ALA A 145 7.27 1.99 -7.00
N THR A 146 7.28 1.09 -6.04
CA THR A 146 6.04 0.54 -5.49
C THR A 146 5.19 1.61 -4.77
N HIS A 147 5.86 2.48 -4.00
CA HIS A 147 5.19 3.56 -3.28
C HIS A 147 6.16 4.74 -3.10
N PRO A 148 5.64 5.94 -2.81
CA PRO A 148 6.45 7.14 -2.64
C PRO A 148 6.92 7.48 -1.24
N ASP A 149 6.22 6.96 -0.23
CA ASP A 149 6.51 7.21 1.18
C ASP A 149 7.97 7.42 1.55
N ILE A 150 8.31 8.59 2.07
CA ILE A 150 9.68 8.87 2.46
C ILE A 150 10.07 8.01 3.68
N ASN A 151 9.36 8.19 4.79
CA ASN A 151 9.64 7.42 5.99
C ASN A 151 8.52 6.46 6.32
N CYS A 152 8.81 5.54 7.22
CA CYS A 152 7.83 4.56 7.66
C CYS A 152 7.82 4.60 9.18
N PRO A 153 6.63 4.72 9.79
CA PRO A 153 6.54 4.76 11.25
C PRO A 153 6.92 3.42 11.85
N SER A 154 7.61 3.45 12.99
CA SER A 154 8.04 2.22 13.63
C SER A 154 8.12 2.39 15.13
N LYS A 155 8.45 1.28 15.80
CA LYS A 155 8.60 1.27 17.25
C LYS A 155 9.67 2.29 17.62
N GLU A 156 10.77 2.29 16.87
CA GLU A 156 11.86 3.22 17.13
C GLU A 156 11.62 4.56 16.47
N GLY A 157 10.43 4.79 15.94
CA GLY A 157 10.14 6.06 15.30
C GLY A 157 10.22 6.05 13.79
N PRO A 158 10.23 7.24 13.15
CA PRO A 158 10.31 7.38 11.70
C PRO A 158 11.60 6.79 11.17
N VAL A 159 11.48 5.88 10.21
CA VAL A 159 12.66 5.24 9.63
C VAL A 159 12.60 5.29 8.11
N PRO A 160 13.76 5.38 7.45
CA PRO A 160 13.86 5.44 5.98
C PRO A 160 13.00 4.43 5.26
N ASP A 161 12.29 4.87 4.22
CA ASP A 161 11.45 3.99 3.44
C ASP A 161 11.84 4.20 1.95
N ALA A 162 11.00 3.70 1.05
CA ALA A 162 11.27 3.83 -0.39
C ALA A 162 11.64 5.26 -0.80
N GLY A 163 10.88 6.23 -0.29
CA GLY A 163 11.12 7.62 -0.60
C GLY A 163 12.52 8.09 -0.27
N SER A 164 13.04 7.65 0.88
CA SER A 164 14.37 8.04 1.32
C SER A 164 15.44 7.48 0.38
N ILE A 165 15.21 6.27 -0.09
CA ILE A 165 16.14 5.64 -1.02
C ILE A 165 16.08 6.39 -2.36
N MSE A 166 14.85 6.76 -2.74
CA MSE A 166 14.58 7.49 -3.98
C MSE A 166 15.41 8.77 -3.95
O MSE A 166 16.09 9.12 -4.91
CB MSE A 166 13.11 7.85 -4.00
CG MSE A 166 12.44 7.80 -5.35
SE MSE A 166 10.53 7.84 -5.00
CE MSE A 166 10.22 5.96 -4.64
N ALA A 167 15.32 9.46 -2.82
CA ALA A 167 16.06 10.68 -2.65
C ALA A 167 17.51 10.52 -3.09
N ALA A 168 18.12 9.39 -2.76
CA ALA A 168 19.53 9.14 -3.10
C ALA A 168 19.67 8.87 -4.59
N ILE A 169 18.82 7.98 -5.09
CA ILE A 169 18.83 7.62 -6.50
C ILE A 169 18.69 8.86 -7.37
N GLU A 170 17.79 9.76 -6.95
CA GLU A 170 17.56 10.99 -7.70
C GLU A 170 18.74 11.96 -7.60
N ALA A 171 19.37 12.03 -6.45
CA ALA A 171 20.51 12.92 -6.31
C ALA A 171 21.67 12.45 -7.14
N SER A 172 21.71 11.14 -7.40
CA SER A 172 22.80 10.57 -8.17
C SER A 172 22.56 10.52 -9.67
N THR A 173 21.39 10.05 -10.07
CA THR A 173 21.07 9.95 -11.49
C THR A 173 20.20 11.10 -11.96
N GLY A 174 19.83 11.99 -11.05
CA GLY A 174 18.98 13.11 -11.42
C GLY A 174 17.65 12.62 -11.96
N ARG A 175 17.40 11.32 -11.85
CA ARG A 175 16.16 10.74 -12.36
C ARG A 175 15.14 10.40 -11.25
N LYS A 176 13.85 10.42 -11.60
CA LYS A 176 12.76 10.09 -10.66
C LYS A 176 11.93 9.00 -11.27
N PRO A 177 11.23 8.21 -10.44
CA PRO A 177 10.40 7.13 -11.01
C PRO A 177 9.50 7.58 -12.18
N ASP A 178 9.25 6.66 -13.09
CA ASP A 178 8.38 6.93 -14.23
C ASP A 178 6.99 6.58 -13.78
N LEU A 179 6.92 5.78 -12.73
CA LEU A 179 5.65 5.34 -12.17
C LEU A 179 5.77 4.97 -10.69
N ILE A 180 4.71 5.27 -9.94
CA ILE A 180 4.62 4.94 -8.52
C ILE A 180 3.19 4.42 -8.32
N ALA A 181 3.06 3.13 -8.04
CA ALA A 181 1.75 2.50 -7.90
C ALA A 181 0.96 2.70 -6.62
N GLY A 182 1.66 2.90 -5.51
CA GLY A 182 0.95 3.04 -4.24
C GLY A 182 0.18 4.33 -3.98
N LYS A 183 -0.60 4.34 -2.88
CA LYS A 183 -1.38 5.50 -2.50
C LYS A 183 -0.46 6.73 -2.56
N PRO A 184 -0.99 7.90 -2.96
CA PRO A 184 -2.38 8.18 -3.36
C PRO A 184 -2.72 7.91 -4.83
N ASN A 185 -1.87 7.20 -5.55
CA ASN A 185 -2.16 6.91 -6.94
C ASN A 185 -3.45 6.07 -7.01
N PRO A 186 -4.49 6.61 -7.65
CA PRO A 186 -5.83 6.02 -7.85
C PRO A 186 -5.78 4.56 -8.26
N LEU A 187 -4.73 4.20 -8.98
CA LEU A 187 -4.54 2.84 -9.46
C LEU A 187 -4.97 1.81 -8.43
N VAL A 188 -4.58 2.03 -7.18
CA VAL A 188 -4.93 1.11 -6.11
C VAL A 188 -6.42 0.83 -6.09
N VAL A 189 -7.22 1.89 -6.07
CA VAL A 189 -8.68 1.76 -6.02
C VAL A 189 -9.21 1.08 -7.28
N ASP A 190 -8.66 1.45 -8.43
CA ASP A 190 -9.08 0.85 -9.68
C ASP A 190 -8.83 -0.64 -9.67
N VAL A 191 -7.60 -1.03 -9.35
CA VAL A 191 -7.27 -2.45 -9.30
C VAL A 191 -8.15 -3.17 -8.28
N ILE A 192 -8.31 -2.59 -7.09
CA ILE A 192 -9.13 -3.23 -6.06
C ILE A 192 -10.57 -3.36 -6.55
N SER A 193 -11.00 -2.39 -7.33
CA SER A 193 -12.36 -2.40 -7.87
C SER A 193 -12.55 -3.62 -8.76
N GLU A 194 -11.69 -3.72 -9.78
CA GLU A 194 -11.71 -4.81 -10.74
C GLU A 194 -11.65 -6.17 -10.03
N LYS A 195 -10.59 -6.36 -9.25
CA LYS A 195 -10.36 -7.61 -8.53
C LYS A 195 -11.57 -8.07 -7.70
N PHE A 196 -12.44 -7.14 -7.30
CA PHE A 196 -13.59 -7.53 -6.49
C PHE A 196 -14.97 -7.25 -7.10
N GLY A 197 -14.99 -6.61 -8.25
CA GLY A 197 -16.26 -6.34 -8.92
C GLY A 197 -16.96 -5.05 -8.51
N VAL A 198 -17.03 -4.79 -7.21
CA VAL A 198 -17.67 -3.57 -6.72
C VAL A 198 -17.09 -2.30 -7.34
N PRO A 199 -17.96 -1.35 -7.72
CA PRO A 199 -17.60 -0.06 -8.33
C PRO A 199 -17.19 1.05 -7.36
N LYS A 200 -16.48 2.04 -7.90
CA LYS A 200 -16.01 3.20 -7.14
C LYS A 200 -17.17 3.95 -6.48
N GLU A 201 -18.38 3.73 -6.99
CA GLU A 201 -19.57 4.39 -6.48
C GLU A 201 -20.01 3.80 -5.14
N ARG A 202 -19.48 2.62 -4.81
CA ARG A 202 -19.83 1.97 -3.55
C ARG A 202 -18.59 1.50 -2.79
N MSE A 203 -17.53 2.30 -2.87
CA MSE A 203 -16.27 2.02 -2.19
C MSE A 203 -15.79 3.15 -1.29
O MSE A 203 -15.91 4.33 -1.62
CB MSE A 203 -15.18 1.71 -3.21
CG MSE A 203 -15.27 0.33 -3.84
SE MSE A 203 -13.65 -0.09 -4.80
CE MSE A 203 -13.99 0.87 -6.43
N ALA A 204 -15.23 2.76 -0.15
CA ALA A 204 -14.74 3.72 0.82
C ALA A 204 -13.34 3.40 1.32
N MSE A 205 -12.56 4.44 1.55
CA MSE A 205 -11.22 4.34 2.06
C MSE A 205 -11.25 4.68 3.55
O MSE A 205 -11.66 5.76 3.92
CB MSE A 205 -10.31 5.31 1.33
CG MSE A 205 -8.90 5.43 1.88
SE MSE A 205 -7.82 3.85 1.58
CE MSE A 205 -6.32 4.29 2.70
N VAL A 206 -10.83 3.74 4.39
CA VAL A 206 -10.82 3.97 5.84
C VAL A 206 -9.38 3.92 6.32
N GLY A 207 -8.86 5.05 6.80
CA GLY A 207 -7.49 5.04 7.25
C GLY A 207 -7.17 6.10 8.28
N ASP A 208 -5.89 6.26 8.60
CA ASP A 208 -5.49 7.25 9.59
C ASP A 208 -4.51 8.26 9.04
N ARG A 209 -4.18 8.14 7.76
CA ARG A 209 -3.25 9.06 7.14
C ARG A 209 -3.97 10.24 6.52
N LEU A 210 -4.04 11.33 7.27
CA LEU A 210 -4.72 12.56 6.87
C LEU A 210 -4.45 13.05 5.45
N TYR A 211 -3.18 13.07 5.05
CA TYR A 211 -2.86 13.52 3.69
C TYR A 211 -3.08 12.39 2.68
N THR A 212 -2.25 11.36 2.78
CA THR A 212 -2.30 10.24 1.87
C THR A 212 -3.67 9.57 1.70
N ASP A 213 -4.23 9.07 2.80
CA ASP A 213 -5.51 8.39 2.72
C ASP A 213 -6.63 9.29 2.19
N VAL A 214 -6.66 10.54 2.62
CA VAL A 214 -7.69 11.47 2.16
C VAL A 214 -7.49 11.75 0.68
N LYS A 215 -6.26 12.11 0.33
CA LYS A 215 -5.92 12.42 -1.06
C LYS A 215 -6.08 11.24 -2.02
N LEU A 216 -6.06 10.02 -1.49
CA LEU A 216 -6.24 8.86 -2.35
C LEU A 216 -7.66 8.95 -2.82
N GLY A 217 -8.57 8.97 -1.85
CA GLY A 217 -9.98 9.04 -2.14
C GLY A 217 -10.35 10.16 -3.10
N LYS A 218 -9.64 11.29 -3.00
CA LYS A 218 -9.91 12.41 -3.87
C LYS A 218 -9.55 12.00 -5.29
N ASN A 219 -8.31 11.59 -5.51
CA ASN A 219 -7.84 11.18 -6.82
C ASN A 219 -8.61 10.00 -7.40
N ALA A 220 -8.91 9.01 -6.59
CA ALA A 220 -9.63 7.84 -7.07
C ALA A 220 -11.13 8.08 -7.01
N GLY A 221 -11.53 9.22 -6.47
CA GLY A 221 -12.94 9.54 -6.36
C GLY A 221 -13.79 8.56 -5.56
N ILE A 222 -13.57 8.50 -4.25
CA ILE A 222 -14.37 7.65 -3.37
C ILE A 222 -14.35 8.25 -1.97
N VAL A 223 -15.39 7.99 -1.19
CA VAL A 223 -15.46 8.54 0.16
C VAL A 223 -14.26 8.11 0.99
N SER A 224 -13.60 9.10 1.60
CA SER A 224 -12.46 8.81 2.46
C SER A 224 -12.94 8.95 3.90
N ILE A 225 -12.58 7.97 4.73
CA ILE A 225 -12.99 7.97 6.12
C ILE A 225 -11.77 8.01 7.02
N LEU A 226 -11.49 9.20 7.52
CA LEU A 226 -10.36 9.40 8.39
C LEU A 226 -10.70 8.93 9.78
N VAL A 227 -9.78 8.21 10.40
CA VAL A 227 -9.96 7.70 11.76
C VAL A 227 -8.90 8.40 12.62
N LEU A 228 -9.17 8.60 13.90
CA LEU A 228 -8.21 9.32 14.73
C LEU A 228 -7.33 8.47 15.63
N THR A 229 -7.05 7.24 15.22
CA THR A 229 -6.22 6.36 16.02
C THR A 229 -4.75 6.57 15.65
N GLY A 230 -4.52 7.34 14.60
CA GLY A 230 -3.17 7.60 14.16
C GLY A 230 -2.72 8.97 14.57
N GLU A 231 -1.67 9.47 13.93
CA GLU A 231 -1.14 10.79 14.23
C GLU A 231 -2.01 11.85 13.57
N THR A 232 -3.21 12.08 14.10
CA THR A 232 -4.05 13.09 13.50
C THR A 232 -4.69 14.12 14.42
N THR A 233 -4.55 15.38 14.02
CA THR A 233 -5.09 16.53 14.71
C THR A 233 -4.86 17.74 13.80
N PRO A 234 -3.58 18.08 13.47
CA PRO A 234 -3.32 19.22 12.60
C PRO A 234 -4.13 19.07 11.30
N GLU A 235 -4.87 20.09 10.87
CA GLU A 235 -5.66 19.95 9.65
C GLU A 235 -5.85 21.18 8.78
N ASP A 236 -5.85 20.96 7.46
CA ASP A 236 -6.04 22.02 6.48
C ASP A 236 -6.28 21.32 5.13
N LEU A 237 -5.92 21.96 4.03
CA LEU A 237 -6.05 21.33 2.71
C LEU A 237 -7.42 20.66 2.53
N GLU A 238 -7.42 19.40 2.12
CA GLU A 238 -8.64 18.61 1.91
C GLU A 238 -9.14 17.98 3.22
N ARG A 239 -10.43 17.70 3.27
CA ARG A 239 -11.04 17.09 4.44
C ARG A 239 -11.73 15.77 4.01
N ALA A 240 -12.64 15.23 4.82
CA ALA A 240 -13.32 13.98 4.47
C ALA A 240 -14.52 13.66 5.39
N GLU A 241 -14.51 12.46 5.99
CA GLU A 241 -15.54 11.97 6.94
C GLU A 241 -14.74 11.46 8.15
N THR A 242 -15.13 11.83 9.38
CA THR A 242 -14.33 11.48 10.55
C THR A 242 -14.95 10.76 11.75
N LYS A 243 -14.12 9.95 12.42
CA LYS A 243 -14.49 9.20 13.63
C LYS A 243 -13.21 8.73 14.33
N PRO A 244 -13.22 8.66 15.67
CA PRO A 244 -12.14 8.27 16.59
C PRO A 244 -11.46 6.96 16.27
N ASP A 245 -12.28 5.92 16.18
CA ASP A 245 -11.79 4.58 15.90
C ASP A 245 -12.94 3.80 15.28
N PHE A 246 -12.90 2.48 15.35
CA PHE A 246 -13.97 1.71 14.77
C PHE A 246 -15.17 1.56 15.66
N VAL A 247 -15.04 2.03 16.89
CA VAL A 247 -16.20 2.01 17.76
C VAL A 247 -17.16 2.87 16.94
N PHE A 248 -16.85 4.16 16.83
CA PHE A 248 -17.69 5.08 16.07
C PHE A 248 -17.96 4.56 14.67
N LYS A 249 -16.93 4.09 14.00
CA LYS A 249 -17.08 3.58 12.65
C LYS A 249 -18.23 2.59 12.63
N ASN A 250 -18.08 1.51 13.38
CA ASN A 250 -19.09 0.47 13.45
C ASN A 250 -20.48 1.03 13.69
N LEU A 251 -20.65 1.77 14.80
CA LEU A 251 -21.93 2.35 15.19
C LEU A 251 -22.56 3.19 14.09
N GLY A 252 -21.75 3.67 13.15
CA GLY A 252 -22.27 4.47 12.05
C GLY A 252 -22.57 3.56 10.89
N GLU A 253 -22.76 2.28 11.20
CA GLU A 253 -23.05 1.22 10.23
C GLU A 253 -21.74 0.77 9.63
C1 NDG B . -7.90 20.86 13.17
C2 NDG B . -6.84 21.97 12.98
C3 NDG B . -5.47 21.39 13.38
C4 NDG B . -5.54 20.96 14.85
C5 NDG B . -6.63 19.88 15.00
C6 NDG B . -6.81 19.32 16.39
C7 NDG B . -7.79 23.30 11.18
C8 NDG B . -8.05 24.60 11.95
O5 NDG B . -7.91 20.39 14.54
O3 NDG B . -4.45 22.36 13.19
O4 NDG B . -4.28 20.46 15.27
O6 NDG B . -7.01 17.91 16.36
O7 NDG B . -8.46 23.06 10.17
N2 NDG B . -6.83 22.48 11.62
O1 NDG B . -7.63 19.79 12.34
S SO4 C . 0.38 11.26 5.87
O1 SO4 C . 0.78 11.01 4.47
O2 SO4 C . 1.35 12.17 6.51
O3 SO4 C . -0.95 11.87 5.86
O4 SO4 C . 0.34 10.00 6.61
S SO4 D . 0.03 2.80 4.83
O1 SO4 D . -1.12 3.08 5.71
O2 SO4 D . -0.24 3.39 3.52
O3 SO4 D . 1.26 3.40 5.40
O4 SO4 D . 0.23 1.34 4.71
#